data_1VTK
#
_entry.id   1VTK
#
_cell.length_a   83.400
_cell.length_b   83.400
_cell.length_c   156.700
_cell.angle_alpha   90.00
_cell.angle_beta   90.00
_cell.angle_gamma   90.00
#
_symmetry.space_group_name_H-M   'I 41'
#
loop_
_entity.id
_entity.type
_entity.pdbx_description
1 polymer 'THYMIDINE KINASE'
2 non-polymer "ADENOSINE-5'-DIPHOSPHATE"
3 non-polymer "THYMIDINE-5'-PHOSPHATE"
4 water water
#
_entity_poly.entity_id   1
_entity_poly.type   'polypeptide(L)'
_entity_poly.pdbx_seq_one_letter_code
;QQEATEVRPEQKMPTLLRVYIDGPHGMGKTTTTQLLVALGSRDDIVYVPEPMTYWRVLGASETIANIYTTQHRLDQGEIS
AGDAAVVMTSAQITMGMPYAVTDAVLAPHIGGEAGSSHAPPPALTLIFDRHPIAALLCYPAARYLMGSMTPQAVLAFVAL
IPPTLPGTNIVLGALPEDRHIDRLAKRQRPGERLDLAMLAAIRRVYGLLANTVRYLQCGGSWREDWGQLSGTAVPPQGAE
PQSNAGPRPHIGDTLFTLFRAPELLAPNGDLYNVFAWALDVLAKRLRSMHVFILDYDQSPAGCRDALLQLTSGMVQTHVT
TPGSIPTICDLARTFAREMGEAN
;
_entity_poly.pdbx_strand_id   A
#
# COMPACT_ATOMS: atom_id res chain seq x y z
N MET A 13 9.87 -20.02 21.70
CA MET A 13 9.20 -18.83 21.09
C MET A 13 9.59 -18.70 19.62
N PRO A 14 8.75 -19.20 18.70
CA PRO A 14 9.07 -19.10 17.28
C PRO A 14 8.77 -17.70 16.76
N THR A 15 9.53 -17.23 15.79
CA THR A 15 9.30 -15.91 15.24
C THR A 15 8.70 -15.99 13.84
N LEU A 16 7.95 -14.96 13.49
CA LEU A 16 7.30 -14.86 12.18
C LEU A 16 7.91 -13.63 11.53
N LEU A 17 8.02 -13.66 10.20
CA LEU A 17 8.53 -12.52 9.44
C LEU A 17 7.51 -12.21 8.36
N ARG A 18 7.07 -10.96 8.32
CA ARG A 18 6.09 -10.51 7.33
C ARG A 18 6.70 -9.41 6.50
N VAL A 19 6.66 -9.58 5.17
CA VAL A 19 7.20 -8.61 4.22
C VAL A 19 6.09 -8.22 3.23
N TYR A 20 5.86 -6.92 3.07
CA TYR A 20 4.83 -6.41 2.16
C TYR A 20 5.45 -5.70 0.99
N ILE A 21 5.35 -6.28 -0.19
CA ILE A 21 5.91 -5.66 -1.38
C ILE A 21 4.83 -4.74 -1.93
N ASP A 22 5.14 -3.44 -1.99
CA ASP A 22 4.17 -2.46 -2.46
C ASP A 22 4.82 -1.46 -3.43
N GLY A 23 4.10 -0.38 -3.71
CA GLY A 23 4.60 0.63 -4.63
C GLY A 23 3.70 0.71 -5.86
N PRO A 24 3.97 1.64 -6.79
CA PRO A 24 3.16 1.80 -8.00
C PRO A 24 3.09 0.56 -8.87
N HIS A 25 1.95 0.36 -9.54
CA HIS A 25 1.76 -0.79 -10.42
C HIS A 25 2.68 -0.79 -11.64
N GLY A 26 2.87 -1.98 -12.21
CA GLY A 26 3.71 -2.15 -13.39
C GLY A 26 5.16 -1.79 -13.13
N MET A 27 5.73 -2.33 -12.06
CA MET A 27 7.11 -2.04 -11.72
C MET A 27 7.95 -3.32 -11.66
N GLY A 28 7.27 -4.47 -11.63
CA GLY A 28 7.98 -5.73 -11.57
C GLY A 28 7.84 -6.39 -10.22
N LYS A 29 6.90 -5.89 -9.44
CA LYS A 29 6.66 -6.42 -8.11
C LYS A 29 6.17 -7.86 -8.16
N THR A 30 5.22 -8.16 -9.04
CA THR A 30 4.71 -9.51 -9.15
C THR A 30 5.82 -10.45 -9.63
N THR A 31 6.58 -9.99 -10.63
CA THR A 31 7.66 -10.79 -11.19
C THR A 31 8.74 -11.12 -10.15
N THR A 32 9.23 -10.11 -9.47
CA THR A 32 10.28 -10.31 -8.47
C THR A 32 9.90 -11.18 -7.27
N THR A 33 8.65 -11.07 -6.80
CA THR A 33 8.22 -11.90 -5.66
C THR A 33 8.07 -13.33 -6.11
N GLN A 34 7.53 -13.55 -7.31
CA GLN A 34 7.39 -14.91 -7.78
C GLN A 34 8.73 -15.61 -7.88
N LEU A 35 9.75 -14.88 -8.34
CA LEU A 35 11.10 -15.44 -8.37
C LEU A 35 11.59 -15.74 -6.95
N LEU A 36 11.33 -14.82 -6.03
CA LEU A 36 11.75 -14.98 -4.64
C LEU A 36 11.21 -16.28 -4.05
N VAL A 37 9.92 -16.52 -4.23
CA VAL A 37 9.31 -17.75 -3.70
C VAL A 37 9.57 -18.96 -4.61
N ALA A 38 10.06 -18.69 -5.82
CA ALA A 38 10.36 -19.75 -6.78
C ALA A 38 11.59 -20.57 -6.37
N LEU A 39 12.27 -20.14 -5.31
CA LEU A 39 13.45 -20.86 -4.82
C LEU A 39 13.07 -22.16 -4.11
N GLY A 40 11.76 -22.39 -3.96
CA GLY A 40 11.26 -23.60 -3.31
C GLY A 40 11.88 -23.85 -1.96
N SER A 41 12.06 -22.77 -1.19
CA SER A 41 12.65 -22.85 0.14
C SER A 41 11.72 -23.42 1.20
N ARG A 42 11.08 -24.55 0.89
CA ARG A 42 10.17 -25.23 1.80
C ARG A 42 9.01 -24.39 2.32
N ASP A 43 8.38 -24.89 3.39
CA ASP A 43 7.24 -24.25 4.02
C ASP A 43 7.56 -22.97 4.80
N ASP A 44 8.83 -22.73 5.12
CA ASP A 44 9.18 -21.53 5.89
C ASP A 44 8.92 -20.21 5.18
N ILE A 45 8.34 -20.26 3.98
CA ILE A 45 8.03 -19.06 3.21
C ILE A 45 6.81 -19.22 2.29
N VAL A 46 5.75 -18.47 2.61
CA VAL A 46 4.51 -18.52 1.84
C VAL A 46 4.25 -17.14 1.22
N TYR A 47 3.90 -17.15 -0.06
CA TYR A 47 3.61 -15.92 -0.81
C TYR A 47 2.11 -15.70 -0.94
N VAL A 48 1.66 -14.53 -0.54
CA VAL A 48 0.26 -14.17 -0.61
C VAL A 48 0.13 -13.19 -1.80
N PRO A 49 -0.53 -13.63 -2.89
CA PRO A 49 -0.74 -12.86 -4.12
C PRO A 49 -1.88 -11.88 -4.06
N GLU A 50 -2.00 -11.04 -5.09
CA GLU A 50 -3.07 -10.07 -5.16
C GLU A 50 -4.38 -10.81 -5.34
N PRO A 51 -5.43 -10.39 -4.65
CA PRO A 51 -6.75 -11.01 -4.72
C PRO A 51 -7.49 -10.64 -6.02
N MET A 52 -6.80 -10.85 -7.14
CA MET A 52 -7.28 -10.55 -8.47
C MET A 52 -8.68 -11.10 -8.74
N THR A 53 -8.93 -12.31 -8.26
CA THR A 53 -10.23 -12.92 -8.45
C THR A 53 -11.33 -12.22 -7.66
N TYR A 54 -11.01 -11.72 -6.48
CA TYR A 54 -12.02 -11.02 -5.69
C TYR A 54 -12.42 -9.75 -6.45
N TRP A 55 -11.41 -9.06 -6.95
CA TRP A 55 -11.57 -7.82 -7.68
C TRP A 55 -12.41 -7.97 -8.95
N ARG A 56 -12.13 -9.02 -9.71
CA ARG A 56 -12.83 -9.27 -10.96
C ARG A 56 -14.15 -10.01 -10.90
N VAL A 57 -14.31 -10.87 -9.90
CA VAL A 57 -15.51 -11.68 -9.83
C VAL A 57 -16.27 -11.66 -8.52
N LEU A 58 -15.60 -12.09 -7.44
CA LEU A 58 -16.22 -12.20 -6.12
C LEU A 58 -16.75 -10.95 -5.44
N GLY A 59 -15.98 -9.87 -5.46
CA GLY A 59 -16.38 -8.65 -4.80
C GLY A 59 -17.31 -7.80 -5.62
N ALA A 60 -17.04 -7.78 -6.93
CA ALA A 60 -17.81 -7.02 -7.90
C ALA A 60 -17.27 -7.41 -9.27
N SER A 61 -17.94 -6.99 -10.33
CA SER A 61 -17.51 -7.34 -11.67
C SER A 61 -16.46 -6.41 -12.26
N GLU A 62 -15.37 -7.00 -12.72
CA GLU A 62 -14.28 -6.27 -13.35
C GLU A 62 -13.99 -4.89 -12.73
N THR A 63 -13.75 -4.87 -11.42
CA THR A 63 -13.49 -3.61 -10.71
C THR A 63 -12.35 -2.76 -11.30
N ILE A 64 -11.28 -3.40 -11.76
CA ILE A 64 -10.17 -2.64 -12.33
C ILE A 64 -10.61 -1.88 -13.58
N ALA A 65 -11.43 -2.53 -14.40
CA ALA A 65 -11.95 -1.92 -15.63
C ALA A 65 -12.86 -0.76 -15.26
N ASN A 66 -13.68 -0.99 -14.25
CA ASN A 66 -14.59 0.03 -13.75
C ASN A 66 -13.81 1.30 -13.39
N ILE A 67 -12.67 1.13 -12.72
CA ILE A 67 -11.83 2.24 -12.33
C ILE A 67 -11.28 3.01 -13.53
N TYR A 68 -10.58 2.31 -14.42
CA TYR A 68 -10.02 2.95 -15.60
C TYR A 68 -11.06 3.54 -16.55
N THR A 69 -12.19 2.85 -16.70
CA THR A 69 -13.25 3.37 -17.56
C THR A 69 -13.76 4.67 -16.97
N THR A 70 -14.07 4.65 -15.67
CA THR A 70 -14.57 5.83 -14.95
C THR A 70 -13.64 7.05 -15.03
N GLN A 71 -12.35 6.86 -14.88
CA GLN A 71 -11.45 7.99 -14.96
C GLN A 71 -11.50 8.56 -16.37
N HIS A 72 -11.52 7.68 -17.37
CA HIS A 72 -11.56 8.07 -18.78
C HIS A 72 -12.79 8.90 -19.11
N ARG A 73 -13.97 8.40 -18.75
CA ARG A 73 -15.20 9.13 -19.00
C ARG A 73 -15.11 10.51 -18.40
N LEU A 74 -14.58 10.59 -17.19
CA LEU A 74 -14.43 11.88 -16.51
C LEU A 74 -13.48 12.78 -17.29
N ASP A 75 -12.39 12.21 -17.82
CA ASP A 75 -11.42 12.99 -18.59
C ASP A 75 -12.01 13.49 -19.90
N GLN A 76 -12.99 12.76 -20.42
CA GLN A 76 -13.66 13.14 -21.67
C GLN A 76 -14.89 13.99 -21.41
N GLY A 77 -15.10 14.39 -20.16
CA GLY A 77 -16.25 15.20 -19.82
C GLY A 77 -17.58 14.50 -19.95
N GLU A 78 -17.58 13.18 -19.93
CA GLU A 78 -18.82 12.43 -20.03
C GLU A 78 -19.56 12.25 -18.70
N ILE A 79 -18.87 12.53 -17.60
CA ILE A 79 -19.45 12.44 -16.25
C ILE A 79 -18.85 13.56 -15.42
N SER A 80 -19.47 13.83 -14.28
CA SER A 80 -18.97 14.89 -13.41
C SER A 80 -18.04 14.32 -12.35
N ALA A 81 -17.21 15.18 -11.78
CA ALA A 81 -16.29 14.78 -10.72
C ALA A 81 -17.08 14.07 -9.63
N GLY A 82 -18.27 14.58 -9.36
CA GLY A 82 -19.12 13.98 -8.36
C GLY A 82 -19.41 12.52 -8.64
N ASP A 83 -19.86 12.21 -9.84
CA ASP A 83 -20.16 10.82 -10.20
C ASP A 83 -18.89 9.97 -10.25
N ALA A 84 -17.78 10.57 -10.66
CA ALA A 84 -16.52 9.83 -10.72
C ALA A 84 -16.17 9.39 -9.30
N ALA A 85 -16.12 10.38 -8.41
CA ALA A 85 -15.79 10.18 -7.01
C ALA A 85 -16.59 9.07 -6.33
N VAL A 86 -17.89 9.05 -6.56
CA VAL A 86 -18.78 8.06 -5.96
C VAL A 86 -18.46 6.64 -6.41
N VAL A 87 -18.19 6.47 -7.70
CA VAL A 87 -17.87 5.15 -8.24
C VAL A 87 -16.49 4.72 -7.77
N MET A 88 -15.54 5.67 -7.78
CA MET A 88 -14.17 5.40 -7.38
C MET A 88 -14.10 4.97 -5.90
N THR A 89 -14.79 5.69 -5.03
CA THR A 89 -14.83 5.36 -3.60
C THR A 89 -15.32 3.94 -3.42
N SER A 90 -16.44 3.62 -4.08
CA SER A 90 -17.02 2.29 -4.02
C SER A 90 -16.06 1.21 -4.57
N ALA A 91 -15.32 1.55 -5.63
CA ALA A 91 -14.38 0.61 -6.23
C ALA A 91 -13.20 0.31 -5.31
N GLN A 92 -12.71 1.35 -4.64
CA GLN A 92 -11.59 1.22 -3.73
C GLN A 92 -11.94 0.41 -2.48
N ILE A 93 -13.20 0.47 -2.06
CA ILE A 93 -13.64 -0.30 -0.91
C ILE A 93 -13.56 -1.77 -1.30
N THR A 94 -13.87 -2.07 -2.56
CA THR A 94 -13.82 -3.44 -3.07
C THR A 94 -12.36 -3.92 -3.21
N MET A 95 -11.48 -3.03 -3.67
CA MET A 95 -10.07 -3.35 -3.85
C MET A 95 -9.39 -3.77 -2.55
N GLY A 96 -9.63 -3.02 -1.49
CA GLY A 96 -9.01 -3.32 -0.22
C GLY A 96 -9.70 -4.29 0.73
N MET A 97 -10.91 -4.72 0.43
CA MET A 97 -11.61 -5.62 1.34
C MET A 97 -10.81 -6.84 1.74
N PRO A 98 -10.28 -7.60 0.77
CA PRO A 98 -9.51 -8.79 1.14
C PRO A 98 -8.23 -8.48 1.93
N TYR A 99 -7.66 -7.29 1.73
CA TYR A 99 -6.46 -6.90 2.45
C TYR A 99 -6.82 -6.62 3.92
N ALA A 100 -7.92 -5.91 4.12
CA ALA A 100 -8.38 -5.55 5.44
C ALA A 100 -8.79 -6.77 6.27
N VAL A 101 -9.60 -7.65 5.71
CA VAL A 101 -10.05 -8.82 6.44
C VAL A 101 -8.89 -9.74 6.83
N THR A 102 -7.91 -9.88 5.94
CA THR A 102 -6.74 -10.72 6.23
C THR A 102 -5.99 -10.13 7.42
N ASP A 103 -5.60 -8.88 7.30
CA ASP A 103 -4.89 -8.18 8.39
C ASP A 103 -5.69 -8.31 9.70
N ALA A 104 -7.01 -8.21 9.61
CA ALA A 104 -7.89 -8.30 10.77
C ALA A 104 -7.92 -9.67 11.46
N VAL A 105 -7.81 -10.75 10.70
CA VAL A 105 -7.82 -12.07 11.32
C VAL A 105 -6.41 -12.51 11.72
N LEU A 106 -5.42 -11.80 11.20
CA LEU A 106 -4.00 -12.08 11.47
C LEU A 106 -3.54 -11.38 12.74
N ALA A 107 -4.20 -10.27 13.09
CA ALA A 107 -3.82 -9.48 14.26
C ALA A 107 -3.69 -10.25 15.58
N PRO A 108 -4.66 -11.12 15.90
CA PRO A 108 -4.61 -11.89 17.16
C PRO A 108 -3.41 -12.83 17.31
N HIS A 109 -2.60 -12.99 16.28
CA HIS A 109 -1.46 -13.89 16.35
C HIS A 109 -0.13 -13.19 16.39
N ILE A 110 -0.13 -11.90 16.10
CA ILE A 110 1.11 -11.15 16.07
C ILE A 110 1.45 -10.62 17.45
N GLY A 111 2.64 -11.01 17.92
CA GLY A 111 3.12 -10.58 19.21
C GLY A 111 4.19 -9.54 18.99
N GLY A 112 4.83 -9.11 20.06
CA GLY A 112 5.87 -8.08 19.96
C GLY A 112 7.04 -8.41 19.06
N GLU A 113 7.76 -7.38 18.67
CA GLU A 113 8.92 -7.54 17.80
C GLU A 113 10.08 -8.25 18.50
N ALA A 114 10.78 -9.09 17.75
CA ALA A 114 11.90 -9.85 18.27
C ALA A 114 13.17 -9.50 17.51
N GLY A 115 13.53 -8.22 17.57
CA GLY A 115 14.74 -7.75 16.93
C GLY A 115 14.71 -7.74 15.41
N SER A 116 15.64 -8.49 14.81
CA SER A 116 15.78 -8.55 13.35
C SER A 116 15.98 -10.00 12.91
N PRO A 120 18.64 -14.98 13.61
CA PRO A 120 17.58 -15.77 14.25
C PRO A 120 16.54 -16.10 13.18
N PRO A 121 16.63 -17.30 12.59
CA PRO A 121 15.69 -17.73 11.54
C PRO A 121 14.23 -17.82 11.98
N PRO A 122 13.33 -17.12 11.27
CA PRO A 122 11.89 -17.09 11.52
C PRO A 122 11.32 -18.43 11.12
N ALA A 123 10.36 -18.92 11.91
CA ALA A 123 9.74 -20.21 11.67
C ALA A 123 8.99 -20.19 10.34
N LEU A 124 8.43 -19.04 10.02
CA LEU A 124 7.66 -18.86 8.77
C LEU A 124 7.86 -17.44 8.26
N THR A 125 7.84 -17.29 6.95
CA THR A 125 7.99 -16.00 6.29
C THR A 125 6.80 -15.82 5.36
N LEU A 126 6.19 -14.65 5.38
CA LEU A 126 5.05 -14.35 4.53
C LEU A 126 5.39 -13.20 3.60
N ILE A 127 5.33 -13.44 2.30
CA ILE A 127 5.61 -12.40 1.33
C ILE A 127 4.27 -11.96 0.76
N PHE A 128 3.79 -10.80 1.19
CA PHE A 128 2.51 -10.27 0.73
C PHE A 128 2.68 -9.42 -0.51
N ASP A 129 1.69 -9.49 -1.38
CA ASP A 129 1.69 -8.66 -2.56
C ASP A 129 0.77 -7.52 -2.17
N ARG A 130 1.40 -6.42 -1.74
CA ARG A 130 0.74 -5.19 -1.29
C ARG A 130 0.24 -5.22 0.16
N HIS A 131 0.18 -4.04 0.75
CA HIS A 131 -0.28 -3.85 2.12
C HIS A 131 -1.64 -3.13 2.08
N PRO A 132 -2.47 -3.32 3.10
CA PRO A 132 -3.77 -2.65 3.10
C PRO A 132 -3.74 -1.16 2.74
N ILE A 133 -2.66 -0.47 3.07
CA ILE A 133 -2.57 0.96 2.77
C ILE A 133 -2.59 1.32 1.29
N ALA A 134 -2.30 0.35 0.42
CA ALA A 134 -2.32 0.61 -1.02
C ALA A 134 -3.74 0.97 -1.45
N ALA A 135 -4.71 0.16 -1.02
CA ALA A 135 -6.11 0.37 -1.35
C ALA A 135 -6.83 1.38 -0.46
N LEU A 136 -6.43 1.47 0.82
CA LEU A 136 -7.05 2.41 1.76
C LEU A 136 -6.40 3.80 1.83
N LEU A 137 -5.22 3.95 1.26
CA LEU A 137 -4.53 5.24 1.31
C LEU A 137 -3.88 5.71 0.01
N CYS A 138 -2.99 4.88 -0.51
CA CYS A 138 -2.24 5.22 -1.71
C CYS A 138 -3.01 5.43 -3.00
N TYR A 139 -3.91 4.52 -3.34
CA TYR A 139 -4.66 4.70 -4.56
C TYR A 139 -5.73 5.78 -4.42
N PRO A 140 -6.43 5.80 -3.28
CA PRO A 140 -7.45 6.83 -3.08
C PRO A 140 -6.82 8.23 -3.16
N ALA A 141 -5.65 8.39 -2.57
CA ALA A 141 -4.97 9.68 -2.59
C ALA A 141 -4.60 10.05 -4.02
N ALA A 142 -4.09 9.09 -4.77
CA ALA A 142 -3.69 9.32 -6.17
C ALA A 142 -4.90 9.73 -7.02
N ARG A 143 -6.03 9.06 -6.82
CA ARG A 143 -7.24 9.40 -7.57
C ARG A 143 -7.69 10.78 -7.18
N TYR A 144 -7.48 11.16 -5.93
CA TYR A 144 -7.84 12.50 -5.48
C TYR A 144 -7.07 13.50 -6.35
N LEU A 145 -5.81 13.21 -6.64
CA LEU A 145 -4.98 14.07 -7.47
C LEU A 145 -5.45 14.06 -8.93
N MET A 146 -6.15 12.98 -9.32
CA MET A 146 -6.65 12.84 -10.68
C MET A 146 -8.05 13.45 -10.83
N GLY A 147 -8.58 13.99 -9.73
CA GLY A 147 -9.90 14.59 -9.74
C GLY A 147 -11.08 13.64 -9.61
N SER A 148 -10.81 12.36 -9.42
CA SER A 148 -11.87 11.37 -9.29
C SER A 148 -12.22 10.96 -7.88
N MET A 149 -11.68 11.66 -6.89
CA MET A 149 -11.92 11.33 -5.48
C MET A 149 -11.86 12.64 -4.69
N THR A 150 -12.65 12.76 -3.64
CA THR A 150 -12.66 13.97 -2.83
C THR A 150 -11.75 13.80 -1.62
N PRO A 151 -11.15 14.91 -1.12
CA PRO A 151 -10.26 14.81 0.04
C PRO A 151 -10.99 14.24 1.27
N GLN A 152 -12.27 14.55 1.42
CA GLN A 152 -13.05 14.04 2.55
C GLN A 152 -13.14 12.52 2.48
N ALA A 153 -13.19 11.97 1.28
CA ALA A 153 -13.29 10.53 1.09
C ALA A 153 -11.98 9.85 1.41
N VAL A 154 -10.88 10.45 0.94
CA VAL A 154 -9.57 9.89 1.18
C VAL A 154 -9.35 9.79 2.69
N LEU A 155 -9.75 10.84 3.41
CA LEU A 155 -9.60 10.85 4.86
C LEU A 155 -10.54 9.87 5.55
N ALA A 156 -11.66 9.57 4.92
CA ALA A 156 -12.60 8.62 5.50
C ALA A 156 -11.92 7.26 5.47
N PHE A 157 -11.09 7.04 4.45
CA PHE A 157 -10.36 5.79 4.32
C PHE A 157 -9.24 5.77 5.35
N VAL A 158 -8.52 6.88 5.45
CA VAL A 158 -7.43 7.04 6.41
C VAL A 158 -7.90 6.69 7.83
N ALA A 159 -9.04 7.25 8.24
CA ALA A 159 -9.60 7.00 9.56
C ALA A 159 -9.93 5.55 9.81
N LEU A 160 -10.03 4.75 8.75
CA LEU A 160 -10.36 3.33 8.88
C LEU A 160 -9.18 2.39 8.70
N ILE A 161 -7.98 2.95 8.54
CA ILE A 161 -6.81 2.11 8.39
C ILE A 161 -6.62 1.37 9.71
N PRO A 162 -6.60 0.03 9.66
CA PRO A 162 -6.43 -0.77 10.88
C PRO A 162 -5.11 -0.44 11.59
N PRO A 163 -5.07 -0.59 12.92
CA PRO A 163 -3.84 -0.30 13.68
C PRO A 163 -2.64 -1.07 13.13
N THR A 164 -1.50 -0.41 13.05
CA THR A 164 -0.31 -1.04 12.54
C THR A 164 0.23 -2.09 13.47
N LEU A 165 0.28 -3.32 12.97
CA LEU A 165 0.77 -4.47 13.72
C LEU A 165 2.28 -4.42 13.84
N PRO A 166 2.85 -5.09 14.87
CA PRO A 166 4.30 -5.10 15.02
C PRO A 166 4.87 -5.89 13.85
N GLY A 167 6.11 -5.61 13.47
CA GLY A 167 6.69 -6.35 12.37
C GLY A 167 6.15 -6.05 10.99
N THR A 168 5.61 -4.84 10.78
CA THR A 168 5.10 -4.49 9.47
C THR A 168 6.25 -3.90 8.66
N ASN A 169 6.90 -4.77 7.89
CA ASN A 169 8.00 -4.37 7.03
C ASN A 169 7.41 -4.14 5.63
N ILE A 170 7.50 -2.91 5.14
CA ILE A 170 6.95 -2.62 3.82
C ILE A 170 8.10 -2.31 2.87
N VAL A 171 8.13 -3.04 1.76
CA VAL A 171 9.17 -2.83 0.76
C VAL A 171 8.63 -2.06 -0.43
N LEU A 172 8.97 -0.78 -0.51
CA LEU A 172 8.53 0.05 -1.61
C LEU A 172 9.55 -0.10 -2.73
N GLY A 173 9.27 0.45 -3.91
CA GLY A 173 10.20 0.31 -5.02
C GLY A 173 10.82 1.58 -5.57
N ALA A 174 11.90 1.41 -6.33
CA ALA A 174 12.61 2.53 -6.94
C ALA A 174 12.90 2.17 -8.40
N LEU A 175 12.41 2.98 -9.32
CA LEU A 175 12.61 2.76 -10.74
C LEU A 175 12.37 4.07 -11.47
N PRO A 176 13.31 4.48 -12.32
CA PRO A 176 13.19 5.73 -13.07
C PRO A 176 11.96 5.74 -13.97
N GLU A 177 11.27 6.87 -14.01
CA GLU A 177 10.05 7.04 -14.77
C GLU A 177 10.05 6.40 -16.16
N ASP A 178 11.05 6.73 -16.97
CA ASP A 178 11.14 6.18 -18.32
C ASP A 178 11.16 4.66 -18.34
N ARG A 179 11.99 4.06 -17.49
CA ARG A 179 12.07 2.60 -17.44
C ARG A 179 10.79 2.02 -16.87
N HIS A 180 10.06 2.82 -16.10
CA HIS A 180 8.81 2.38 -15.52
C HIS A 180 7.74 2.30 -16.60
N ILE A 181 7.61 3.39 -17.36
CA ILE A 181 6.64 3.49 -18.44
C ILE A 181 6.78 2.30 -19.38
N ASP A 182 8.01 1.98 -19.76
CA ASP A 182 8.27 0.87 -20.66
C ASP A 182 7.71 -0.44 -20.13
N ARG A 183 7.94 -0.72 -18.85
CA ARG A 183 7.46 -1.94 -18.23
C ARG A 183 5.93 -1.92 -18.18
N LEU A 184 5.39 -0.76 -17.82
CA LEU A 184 3.94 -0.59 -17.73
C LEU A 184 3.30 -0.81 -19.08
N ALA A 185 4.00 -0.40 -20.13
CA ALA A 185 3.53 -0.53 -21.50
C ALA A 185 3.44 -1.99 -21.92
N LYS A 186 4.29 -2.84 -21.38
CA LYS A 186 4.29 -4.26 -21.71
C LYS A 186 3.14 -4.96 -21.01
N ARG A 187 3.10 -4.84 -19.69
CA ARG A 187 2.06 -5.45 -18.88
C ARG A 187 0.78 -4.62 -18.88
N GLN A 188 -0.21 -5.08 -19.63
CA GLN A 188 -1.50 -4.38 -19.67
C GLN A 188 -2.56 -5.36 -19.18
N ARG A 189 -2.96 -5.19 -17.91
CA ARG A 189 -3.96 -6.02 -17.27
C ARG A 189 -5.36 -5.94 -17.90
N PRO A 190 -6.26 -6.88 -17.53
CA PRO A 190 -7.62 -6.89 -18.08
C PRO A 190 -8.43 -5.65 -17.69
N GLY A 191 -8.85 -4.89 -18.70
CA GLY A 191 -9.65 -3.70 -18.45
C GLY A 191 -8.86 -2.49 -17.99
N GLU A 192 -7.54 -2.57 -18.10
CA GLU A 192 -6.65 -1.51 -17.69
C GLU A 192 -6.32 -0.68 -18.93
N ARG A 193 -6.28 0.63 -18.78
CA ARG A 193 -5.95 1.53 -19.88
C ARG A 193 -4.69 2.29 -19.51
N LEU A 194 -3.76 2.43 -20.45
CA LEU A 194 -2.52 3.15 -20.15
C LEU A 194 -2.83 4.61 -19.83
N ASP A 195 -2.45 5.03 -18.62
CA ASP A 195 -2.69 6.41 -18.19
C ASP A 195 -1.42 6.94 -17.51
N LEU A 196 -0.57 7.60 -18.28
CA LEU A 196 0.69 8.14 -17.76
C LEU A 196 0.47 9.18 -16.67
N ALA A 197 -0.72 9.79 -16.64
CA ALA A 197 -1.01 10.77 -15.60
C ALA A 197 -1.19 10.03 -14.29
N MET A 198 -1.99 8.97 -14.32
CA MET A 198 -2.24 8.17 -13.13
C MET A 198 -0.91 7.61 -12.65
N LEU A 199 -0.05 7.23 -13.58
CA LEU A 199 1.25 6.67 -13.22
C LEU A 199 2.07 7.67 -12.44
N ALA A 200 2.09 8.90 -12.92
CA ALA A 200 2.85 9.94 -12.25
C ALA A 200 2.27 10.23 -10.87
N ALA A 201 0.94 10.25 -10.78
CA ALA A 201 0.27 10.52 -9.52
C ALA A 201 0.55 9.45 -8.48
N ILE A 202 0.54 8.19 -8.90
CA ILE A 202 0.80 7.09 -7.97
C ILE A 202 2.26 7.05 -7.56
N ARG A 203 3.14 7.41 -8.48
CA ARG A 203 4.57 7.44 -8.18
C ARG A 203 4.86 8.51 -7.12
N ARG A 204 4.17 9.64 -7.21
CA ARG A 204 4.33 10.74 -6.27
C ARG A 204 3.76 10.39 -4.89
N VAL A 205 2.60 9.74 -4.86
CA VAL A 205 1.98 9.35 -3.61
C VAL A 205 2.91 8.43 -2.83
N TYR A 206 3.43 7.40 -3.47
CA TYR A 206 4.33 6.46 -2.81
C TYR A 206 5.63 7.11 -2.32
N GLY A 207 6.10 8.10 -3.06
CA GLY A 207 7.32 8.79 -2.65
C GLY A 207 7.02 9.60 -1.39
N LEU A 208 5.90 10.31 -1.39
CA LEU A 208 5.50 11.11 -0.24
C LEU A 208 5.33 10.20 0.97
N LEU A 209 4.81 8.99 0.75
CA LEU A 209 4.59 8.04 1.84
C LEU A 209 5.91 7.71 2.52
N ALA A 210 6.91 7.32 1.73
CA ALA A 210 8.23 7.00 2.27
C ALA A 210 8.77 8.19 3.05
N ASN A 211 8.65 9.39 2.50
CA ASN A 211 9.12 10.59 3.18
C ASN A 211 8.40 10.82 4.49
N THR A 212 7.13 10.40 4.56
CA THR A 212 6.32 10.59 5.76
C THR A 212 6.78 9.71 6.91
N VAL A 213 7.05 8.44 6.61
CA VAL A 213 7.53 7.50 7.62
C VAL A 213 8.83 8.06 8.20
N ARG A 214 9.76 8.43 7.31
CA ARG A 214 11.04 9.02 7.69
C ARG A 214 10.80 10.26 8.56
N TYR A 215 10.08 11.22 8.02
CA TYR A 215 9.76 12.46 8.73
C TYR A 215 9.25 12.21 10.14
N LEU A 216 8.30 11.30 10.27
CA LEU A 216 7.73 10.97 11.57
C LEU A 216 8.73 10.30 12.50
N GLN A 217 9.53 9.40 11.95
CA GLN A 217 10.53 8.68 12.75
C GLN A 217 11.67 9.61 13.21
N CYS A 218 11.85 10.73 12.55
CA CYS A 218 12.88 11.69 12.96
C CYS A 218 12.29 12.72 13.92
N GLY A 219 11.19 12.36 14.56
CA GLY A 219 10.53 13.25 15.50
C GLY A 219 9.64 14.32 14.91
N GLY A 220 9.13 14.08 13.70
CA GLY A 220 8.26 15.06 13.09
C GLY A 220 6.87 15.05 13.69
N SER A 221 6.28 16.23 13.82
CA SER A 221 4.94 16.40 14.35
C SER A 221 4.23 17.33 13.36
N TRP A 222 3.31 16.77 12.58
CA TRP A 222 2.61 17.57 11.57
C TRP A 222 1.95 18.82 12.10
N ARG A 223 1.39 18.75 13.30
CA ARG A 223 0.72 19.90 13.88
C ARG A 223 1.67 21.05 14.11
N GLU A 224 2.92 20.68 14.36
CA GLU A 224 3.97 21.63 14.65
C GLU A 224 4.51 22.30 13.39
N ASP A 225 4.50 21.58 12.27
CA ASP A 225 5.01 22.10 11.02
C ASP A 225 3.97 22.62 10.03
N TRP A 226 2.70 22.34 10.30
CA TRP A 226 1.58 22.76 9.46
C TRP A 226 1.69 24.17 8.86
N GLY A 227 2.03 25.13 9.71
CA GLY A 227 2.15 26.51 9.26
C GLY A 227 3.12 26.73 8.12
N GLN A 228 4.14 25.88 8.03
CA GLN A 228 5.14 26.01 6.98
C GLN A 228 4.52 25.85 5.60
N LEU A 229 3.44 25.08 5.53
CA LEU A 229 2.74 24.84 4.28
C LEU A 229 2.02 26.09 3.77
N SER A 230 1.39 26.80 4.70
CA SER A 230 0.65 28.02 4.39
C SER A 230 1.42 28.95 3.46
N GLY A 231 2.50 29.54 3.97
CA GLY A 231 3.32 30.45 3.18
C GLY A 231 2.67 31.81 2.99
N PRO A 247 17.98 13.31 3.48
CA PRO A 247 17.34 12.37 4.41
C PRO A 247 16.48 13.02 5.48
N ARG A 248 16.52 14.34 5.54
CA ARG A 248 15.72 15.08 6.50
C ARG A 248 14.55 15.67 5.73
N PRO A 249 13.45 14.91 5.61
CA PRO A 249 12.29 15.44 4.89
C PRO A 249 11.59 16.44 5.77
N HIS A 250 10.95 17.42 5.14
CA HIS A 250 10.21 18.45 5.85
C HIS A 250 8.74 18.17 5.56
N ILE A 251 7.82 18.88 6.23
CA ILE A 251 6.41 18.59 6.01
C ILE A 251 5.96 18.70 4.56
N GLY A 252 6.58 19.61 3.83
CA GLY A 252 6.23 19.78 2.43
C GLY A 252 6.56 18.61 1.52
N ASP A 253 7.28 17.61 2.02
CA ASP A 253 7.66 16.46 1.22
C ASP A 253 6.91 15.22 1.69
N THR A 254 5.90 15.45 2.54
CA THR A 254 5.14 14.34 3.10
C THR A 254 3.71 14.36 2.62
N LEU A 255 2.97 13.29 2.90
CA LEU A 255 1.58 13.18 2.50
C LEU A 255 0.70 14.29 3.06
N PHE A 256 1.15 14.93 4.13
CA PHE A 256 0.37 16.00 4.74
C PHE A 256 0.09 17.16 3.77
N THR A 257 0.96 17.40 2.79
CA THR A 257 0.73 18.49 1.84
C THR A 257 -0.59 18.34 1.10
N LEU A 258 -0.94 17.10 0.73
CA LEU A 258 -2.17 16.85 0.00
C LEU A 258 -3.43 17.32 0.70
N PHE A 259 -3.34 17.57 2.01
CA PHE A 259 -4.53 17.95 2.74
C PHE A 259 -4.77 19.40 3.06
N ARG A 260 -4.10 20.27 2.33
CA ARG A 260 -4.29 21.72 2.46
C ARG A 260 -5.42 22.12 1.52
N ALA A 261 -6.32 21.19 1.25
CA ALA A 261 -7.44 21.44 0.35
C ALA A 261 -8.42 22.40 0.99
N PRO A 262 -8.98 23.33 0.19
CA PRO A 262 -9.95 24.34 0.61
C PRO A 262 -11.17 23.75 1.29
N GLU A 263 -11.62 22.59 0.81
CA GLU A 263 -12.79 21.92 1.36
C GLU A 263 -12.58 21.51 2.82
N LEU A 264 -11.33 21.25 3.17
CA LEU A 264 -10.96 20.82 4.50
C LEU A 264 -10.69 21.97 5.47
N LEU A 265 -10.30 23.11 4.93
CA LEU A 265 -10.00 24.29 5.73
C LEU A 265 -11.23 25.04 6.24
N ALA A 266 -11.22 25.31 7.53
CA ALA A 266 -12.30 26.06 8.18
C ALA A 266 -12.04 27.52 7.83
N PRO A 267 -13.02 28.41 8.10
CA PRO A 267 -12.87 29.84 7.80
C PRO A 267 -11.60 30.47 8.38
N ASN A 268 -11.20 30.05 9.57
CA ASN A 268 -10.00 30.59 10.19
C ASN A 268 -8.69 30.06 9.59
N GLY A 269 -8.78 29.46 8.41
CA GLY A 269 -7.60 28.93 7.73
C GLY A 269 -6.96 27.69 8.33
N ASP A 270 -7.64 27.05 9.27
CA ASP A 270 -7.12 25.84 9.91
C ASP A 270 -8.02 24.67 9.54
N LEU A 271 -7.48 23.46 9.58
CA LEU A 271 -8.27 22.27 9.25
C LEU A 271 -9.38 22.09 10.29
N TYR A 272 -10.53 21.59 9.85
CA TYR A 272 -11.60 21.30 10.79
C TYR A 272 -11.03 20.18 11.66
N ASN A 273 -11.40 20.18 12.93
CA ASN A 273 -10.89 19.17 13.84
C ASN A 273 -11.07 17.75 13.37
N VAL A 274 -12.18 17.44 12.71
CA VAL A 274 -12.41 16.08 12.23
C VAL A 274 -11.28 15.67 11.32
N PHE A 275 -10.93 16.58 10.42
CA PHE A 275 -9.87 16.34 9.47
C PHE A 275 -8.49 16.32 10.15
N ALA A 276 -8.32 17.16 11.17
CA ALA A 276 -7.05 17.21 11.89
C ALA A 276 -6.84 15.88 12.60
N TRP A 277 -7.91 15.34 13.19
CA TRP A 277 -7.81 14.07 13.89
C TRP A 277 -7.44 12.96 12.93
N ALA A 278 -8.04 12.96 11.75
CA ALA A 278 -7.76 11.95 10.73
C ALA A 278 -6.27 11.97 10.43
N LEU A 279 -5.70 13.15 10.31
CA LEU A 279 -4.27 13.28 10.05
C LEU A 279 -3.49 12.73 11.23
N ASP A 280 -4.00 12.92 12.45
CA ASP A 280 -3.37 12.38 13.66
C ASP A 280 -3.31 10.85 13.50
N VAL A 281 -4.44 10.25 13.15
CA VAL A 281 -4.52 8.80 12.96
C VAL A 281 -3.55 8.37 11.87
N LEU A 282 -3.45 9.16 10.80
CA LEU A 282 -2.53 8.83 9.71
C LEU A 282 -1.11 8.71 10.26
N ALA A 283 -0.69 9.68 11.08
CA ALA A 283 0.64 9.68 11.70
C ALA A 283 0.86 8.46 12.60
N LYS A 284 -0.12 8.18 13.45
CA LYS A 284 -0.07 7.04 14.36
C LYS A 284 0.10 5.74 13.58
N ARG A 285 -0.53 5.65 12.42
CA ARG A 285 -0.43 4.46 11.60
C ARG A 285 0.92 4.30 10.90
N LEU A 286 1.41 5.35 10.27
CA LEU A 286 2.69 5.25 9.55
C LEU A 286 3.95 5.25 10.40
N ARG A 287 3.89 5.86 11.57
CA ARG A 287 5.03 5.96 12.48
C ARG A 287 5.74 4.63 12.78
N SER A 288 4.95 3.60 13.06
CA SER A 288 5.47 2.28 13.41
C SER A 288 5.74 1.28 12.27
N MET A 289 5.86 1.77 11.04
CA MET A 289 6.13 0.88 9.92
C MET A 289 7.61 0.91 9.58
N HIS A 290 8.13 -0.18 9.03
CA HIS A 290 9.54 -0.27 8.66
C HIS A 290 9.55 -0.32 7.15
N VAL A 291 9.89 0.79 6.51
CA VAL A 291 9.89 0.79 5.05
C VAL A 291 11.30 0.53 4.54
N PHE A 292 11.37 -0.23 3.45
CA PHE A 292 12.62 -0.58 2.81
C PHE A 292 12.44 -0.27 1.33
N ILE A 293 13.48 0.26 0.71
CA ILE A 293 13.43 0.63 -0.70
C ILE A 293 14.21 -0.36 -1.56
N LEU A 294 13.51 -1.01 -2.48
CA LEU A 294 14.11 -1.99 -3.39
C LEU A 294 14.26 -1.33 -4.76
N ASP A 295 15.47 -1.40 -5.33
CA ASP A 295 15.74 -0.84 -6.65
C ASP A 295 15.36 -1.82 -7.74
N TYR A 296 14.29 -1.54 -8.47
CA TYR A 296 13.85 -2.42 -9.54
C TYR A 296 14.57 -2.17 -10.84
N ASP A 297 15.46 -1.18 -10.86
CA ASP A 297 16.21 -0.84 -12.06
C ASP A 297 17.34 -1.84 -12.35
N GLN A 298 16.98 -3.11 -12.50
CA GLN A 298 17.95 -4.16 -12.77
C GLN A 298 17.26 -5.44 -13.20
N SER A 299 18.05 -6.47 -13.47
CA SER A 299 17.55 -7.78 -13.91
C SER A 299 16.58 -8.38 -12.89
N PRO A 300 15.54 -9.08 -13.37
CA PRO A 300 14.57 -9.70 -12.48
C PRO A 300 15.23 -10.58 -11.43
N ALA A 301 16.25 -11.32 -11.85
CA ALA A 301 16.98 -12.17 -10.92
C ALA A 301 17.67 -11.26 -9.91
N GLY A 302 18.31 -10.22 -10.42
CA GLY A 302 18.99 -9.27 -9.55
C GLY A 302 18.05 -8.70 -8.50
N CYS A 303 16.83 -8.35 -8.91
CA CYS A 303 15.82 -7.82 -8.00
C CYS A 303 15.49 -8.84 -6.93
N ARG A 304 15.35 -10.09 -7.36
CA ARG A 304 15.02 -11.18 -6.45
C ARG A 304 16.11 -11.31 -5.41
N ASP A 305 17.36 -11.23 -5.84
CA ASP A 305 18.49 -11.33 -4.93
C ASP A 305 18.46 -10.17 -3.94
N ALA A 306 18.35 -8.95 -4.44
CA ALA A 306 18.31 -7.77 -3.58
C ALA A 306 17.17 -7.85 -2.56
N LEU A 307 16.03 -8.36 -2.98
CA LEU A 307 14.90 -8.48 -2.08
C LEU A 307 15.29 -9.47 -0.98
N LEU A 308 15.78 -10.63 -1.41
CA LEU A 308 16.21 -11.69 -0.50
C LEU A 308 17.22 -11.16 0.49
N GLN A 309 18.16 -10.35 0.00
CA GLN A 309 19.20 -9.76 0.82
C GLN A 309 18.57 -8.81 1.84
N LEU A 310 17.71 -7.93 1.34
CA LEU A 310 17.03 -6.93 2.15
C LEU A 310 16.30 -7.58 3.31
N THR A 311 15.75 -8.77 3.05
CA THR A 311 14.99 -9.55 4.03
C THR A 311 15.75 -9.79 5.33
N SER A 312 17.05 -10.02 5.24
CA SER A 312 17.87 -10.29 6.42
C SER A 312 17.76 -9.21 7.50
N GLY A 313 17.60 -7.95 7.09
CA GLY A 313 17.50 -6.86 8.05
C GLY A 313 16.10 -6.49 8.51
N MET A 314 15.10 -7.25 8.10
CA MET A 314 13.73 -6.96 8.49
C MET A 314 13.37 -7.46 9.88
N VAL A 315 12.48 -6.74 10.55
CA VAL A 315 12.02 -7.05 11.89
C VAL A 315 11.07 -8.25 11.95
N GLN A 316 11.31 -9.15 12.89
CA GLN A 316 10.49 -10.34 13.09
C GLN A 316 9.63 -10.11 14.33
N THR A 317 8.71 -11.02 14.62
CA THR A 317 7.84 -10.89 15.79
C THR A 317 7.55 -12.26 16.36
N HIS A 318 7.03 -12.29 17.57
CA HIS A 318 6.69 -13.56 18.20
C HIS A 318 5.21 -13.77 17.91
N VAL A 319 4.75 -15.01 17.99
CA VAL A 319 3.34 -15.30 17.78
C VAL A 319 2.71 -15.49 19.15
N THR A 320 1.41 -15.22 19.27
CA THR A 320 0.73 -15.33 20.56
C THR A 320 0.39 -16.73 21.06
N THR A 321 0.36 -17.70 20.15
CA THR A 321 0.06 -19.07 20.54
C THR A 321 0.96 -20.00 19.75
N PRO A 322 1.19 -21.22 20.25
CA PRO A 322 2.04 -22.17 19.53
C PRO A 322 1.38 -22.59 18.22
N GLY A 323 0.06 -22.68 18.24
CA GLY A 323 -0.69 -23.05 17.05
C GLY A 323 -0.81 -21.93 16.04
N SER A 324 -0.34 -20.74 16.40
CA SER A 324 -0.42 -19.58 15.51
C SER A 324 0.29 -19.77 14.18
N ILE A 325 1.52 -20.26 14.20
CA ILE A 325 2.28 -20.46 12.97
C ILE A 325 1.53 -21.33 11.97
N PRO A 326 1.00 -22.47 12.40
CA PRO A 326 0.27 -23.33 11.46
C PRO A 326 -0.97 -22.61 10.91
N THR A 327 -1.71 -21.97 11.80
CA THR A 327 -2.91 -21.24 11.43
C THR A 327 -2.59 -20.17 10.39
N ILE A 328 -1.63 -19.31 10.71
CA ILE A 328 -1.22 -18.24 9.81
C ILE A 328 -0.82 -18.81 8.45
N CYS A 329 -0.16 -19.96 8.45
CA CYS A 329 0.28 -20.61 7.23
C CYS A 329 -0.91 -21.10 6.42
N ASP A 330 -1.94 -21.58 7.11
CA ASP A 330 -3.15 -22.07 6.47
C ASP A 330 -3.93 -20.90 5.84
N LEU A 331 -4.11 -19.83 6.59
CA LEU A 331 -4.82 -18.65 6.11
C LEU A 331 -4.22 -18.20 4.79
N ALA A 332 -2.92 -17.95 4.82
CA ALA A 332 -2.18 -17.50 3.65
C ALA A 332 -2.34 -18.44 2.45
N ARG A 333 -2.30 -19.73 2.70
CA ARG A 333 -2.43 -20.73 1.63
C ARG A 333 -3.83 -20.69 1.05
N THR A 334 -4.83 -20.62 1.93
CA THR A 334 -6.21 -20.56 1.52
C THR A 334 -6.45 -19.30 0.69
N PHE A 335 -6.07 -18.14 1.23
CA PHE A 335 -6.22 -16.87 0.53
C PHE A 335 -5.67 -16.94 -0.90
N ALA A 336 -4.42 -17.39 -1.02
CA ALA A 336 -3.76 -17.50 -2.32
C ALA A 336 -4.48 -18.41 -3.29
N ARG A 337 -4.98 -19.53 -2.78
CA ARG A 337 -5.68 -20.51 -3.57
C ARG A 337 -7.03 -20.01 -4.08
N GLU A 338 -7.76 -19.35 -3.19
CA GLU A 338 -9.10 -18.84 -3.50
C GLU A 338 -9.17 -17.49 -4.23
N MET A 339 -8.18 -16.63 -4.02
CA MET A 339 -8.22 -15.32 -4.66
C MET A 339 -7.10 -15.01 -5.61
N GLY A 340 -6.07 -15.85 -5.63
CA GLY A 340 -4.96 -15.57 -6.51
C GLY A 340 -5.36 -15.90 -7.93
N GLU A 341 -5.17 -14.96 -8.86
CA GLU A 341 -5.50 -15.27 -10.25
C GLU A 341 -4.53 -16.37 -10.67
N ALA A 342 -3.37 -16.40 -10.02
CA ALA A 342 -2.35 -17.40 -10.29
C ALA A 342 -1.07 -17.17 -9.48
N ASN A 343 -0.14 -18.11 -9.65
CA ASN A 343 1.17 -18.07 -8.99
C ASN A 343 2.23 -18.35 -10.06
#